data_4LEK
#
_entry.id   4LEK
#
_cell.length_a   79.346
_cell.length_b   79.346
_cell.length_c   107.496
_cell.angle_alpha   90.000
_cell.angle_beta   90.000
_cell.angle_gamma   120.000
#
_symmetry.space_group_name_H-M   'P 61 2 2'
#
loop_
_entity.id
_entity.type
_entity.pdbx_description
1 polymer 'Dihydrofolate reductase'
2 non-polymer 'NADP NICOTINAMIDE-ADENINE-DINUCLEOTIDE PHOSPHATE'
3 non-polymer 7-[5,6-dimethoxy-2-(1,3-thiazol-2-yl)-1H-benzimidazol-1-yl]quinazoline-2,4-diamine
4 water water
#
_entity_poly.entity_id   1
_entity_poly.type   'polypeptide(L)'
_entity_poly.pdbx_seq_one_letter_code
;MTLSILVAHDLQRVIGFENQLPWHLPNDLKHVKKLSTGHTLVMGRKTFESIGKPLPNRRNVVLTSDTSFNVEGVDVIHSI
EDIYQLPGHVFIFGGQTLFEEMIDKVDDMYITVIEGKFRGDTFFPPYTFEDWEVASSVEGKLDEKNTIPHTFLHLIRKKL
EHHHHHH
;
_entity_poly.pdbx_strand_id   X
#
# COMPACT_ATOMS: atom_id res chain seq x y z
N THR A 2 11.92 9.77 -3.38
CA THR A 2 10.50 10.00 -3.01
C THR A 2 10.00 8.87 -2.09
N LEU A 3 9.20 9.25 -1.10
CA LEU A 3 8.55 8.29 -0.21
C LEU A 3 7.04 8.42 -0.37
N SER A 4 6.42 7.33 -0.83
CA SER A 4 5.01 7.33 -1.17
C SER A 4 4.26 6.23 -0.41
N ILE A 5 2.96 6.45 -0.19
CA ILE A 5 2.08 5.36 0.24
C ILE A 5 1.35 4.79 -0.96
N LEU A 6 1.21 3.46 -0.97
CA LEU A 6 0.28 2.79 -1.87
C LEU A 6 -0.77 2.12 -1.00
N VAL A 7 -2.05 2.37 -1.30
CA VAL A 7 -3.14 1.74 -0.54
C VAL A 7 -4.42 1.63 -1.37
N ALA A 8 -5.17 0.56 -1.11
CA ALA A 8 -6.55 0.43 -1.57
C ALA A 8 -7.43 0.44 -0.32
N HIS A 9 -8.35 1.39 -0.26
CA HIS A 9 -9.28 1.42 0.88
C HIS A 9 -10.70 1.69 0.43
N ASP A 10 -11.68 1.16 1.18
CA ASP A 10 -13.07 1.33 0.79
C ASP A 10 -13.65 2.65 1.30
N LEU A 11 -14.97 2.83 1.16
CA LEU A 11 -15.63 4.08 1.53
C LEU A 11 -15.49 4.43 3.01
N GLN A 12 -15.19 3.44 3.83
CA GLN A 12 -15.03 3.63 5.28
C GLN A 12 -13.59 3.37 5.72
N ARG A 13 -12.69 3.37 4.74
CA ARG A 13 -11.25 3.17 4.94
C ARG A 13 -10.83 1.78 5.38
N VAL A 14 -11.71 0.79 5.22
CA VAL A 14 -11.31 -0.61 5.37
C VAL A 14 -10.19 -0.95 4.38
N ILE A 15 -9.15 -1.64 4.86
CA ILE A 15 -8.06 -2.12 4.00
C ILE A 15 -7.87 -3.65 4.01
N GLY A 16 -8.36 -4.32 5.05
CA GLY A 16 -8.16 -5.76 5.15
C GLY A 16 -9.16 -6.47 6.03
N PHE A 17 -9.21 -7.79 5.85
CA PHE A 17 -10.00 -8.66 6.71
C PHE A 17 -9.30 -10.01 6.79
N GLU A 18 -9.02 -10.46 8.02
CA GLU A 18 -8.36 -11.74 8.26
C GLU A 18 -7.08 -11.91 7.41
N ASN A 19 -6.26 -10.87 7.41
CA ASN A 19 -4.95 -10.84 6.74
C ASN A 19 -4.99 -10.97 5.21
N GLN A 20 -6.13 -10.63 4.61
CA GLN A 20 -6.27 -10.59 3.17
C GLN A 20 -7.04 -9.35 2.74
N LEU A 21 -7.04 -9.06 1.43
CA LEU A 21 -7.89 -8.01 0.88
C LEU A 21 -9.36 -8.45 0.95
N PRO A 22 -10.26 -7.54 1.37
CA PRO A 22 -11.69 -7.87 1.40
C PRO A 22 -12.35 -8.02 0.02
N TRP A 23 -11.68 -7.55 -1.02
CA TRP A 23 -12.25 -7.51 -2.38
C TRP A 23 -11.36 -8.23 -3.38
N HIS A 24 -11.97 -8.67 -4.48
CA HIS A 24 -11.22 -9.18 -5.62
C HIS A 24 -11.25 -8.13 -6.72
N LEU A 25 -10.10 -7.49 -6.97
CA LEU A 25 -10.02 -6.45 -7.99
C LEU A 25 -8.67 -6.51 -8.73
N PRO A 26 -8.59 -7.37 -9.77
CA PRO A 26 -7.37 -7.53 -10.54
C PRO A 26 -6.74 -6.21 -11.00
N ASN A 27 -7.57 -5.24 -11.41
CA ASN A 27 -7.07 -3.94 -11.88
C ASN A 27 -6.29 -3.14 -10.83
N ASP A 28 -6.62 -3.30 -9.55
CA ASP A 28 -5.84 -2.66 -8.49
C ASP A 28 -4.44 -3.25 -8.42
N LEU A 29 -4.34 -4.57 -8.54
CA LEU A 29 -3.05 -5.25 -8.51
C LEU A 29 -2.18 -4.83 -9.69
N LYS A 30 -2.81 -4.68 -10.87
CA LYS A 30 -2.12 -4.19 -12.08
C LYS A 30 -1.63 -2.75 -11.89
N HIS A 31 -2.48 -1.92 -11.28
CA HIS A 31 -2.17 -0.52 -10.95
C HIS A 31 -0.91 -0.44 -10.09
N VAL A 32 -0.89 -1.26 -9.03
CA VAL A 32 0.22 -1.31 -8.08
C VAL A 32 1.50 -1.86 -8.72
N LYS A 33 1.33 -2.87 -9.58
CA LYS A 33 2.45 -3.45 -10.31
C LYS A 33 3.14 -2.39 -11.18
N LYS A 34 2.34 -1.65 -11.94
CA LYS A 34 2.85 -0.62 -12.85
C LYS A 34 3.58 0.50 -12.10
N LEU A 35 3.01 0.93 -10.97
CA LEU A 35 3.61 2.02 -10.18
C LEU A 35 4.95 1.64 -9.53
N SER A 36 5.07 0.39 -9.09
CA SER A 36 6.19 -0.03 -8.25
C SER A 36 7.31 -0.82 -8.95
N THR A 37 7.09 -1.21 -10.21
CA THR A 37 8.10 -1.96 -10.96
C THR A 37 9.40 -1.17 -11.04
N GLY A 38 10.50 -1.81 -10.66
CA GLY A 38 11.81 -1.18 -10.66
C GLY A 38 12.09 -0.30 -9.46
N HIS A 39 11.15 -0.27 -8.52
CA HIS A 39 11.27 0.55 -7.31
C HIS A 39 11.30 -0.31 -6.06
N THR A 40 11.02 0.31 -4.90
CA THR A 40 11.13 -0.38 -3.62
C THR A 40 9.78 -0.42 -2.89
N LEU A 41 9.44 -1.59 -2.36
CA LEU A 41 8.28 -1.75 -1.49
C LEU A 41 8.73 -2.03 -0.07
N VAL A 42 8.15 -1.30 0.88
CA VAL A 42 8.35 -1.56 2.30
C VAL A 42 7.02 -2.00 2.91
N MET A 43 7.03 -3.18 3.54
CA MET A 43 5.80 -3.73 4.10
C MET A 43 6.03 -4.33 5.49
N GLY A 44 4.96 -4.37 6.28
CA GLY A 44 5.00 -5.04 7.58
C GLY A 44 5.06 -6.54 7.42
N ARG A 45 5.46 -7.23 8.49
CA ARG A 45 5.61 -8.69 8.47
C ARG A 45 4.31 -9.43 8.08
N LYS A 46 3.18 -8.97 8.59
CA LYS A 46 1.90 -9.63 8.32
C LYS A 46 1.53 -9.55 6.84
N THR A 47 1.69 -8.37 6.26
CA THR A 47 1.45 -8.16 4.83
C THR A 47 2.32 -9.09 3.99
N PHE A 48 3.60 -9.19 4.36
CA PHE A 48 4.50 -10.07 3.62
C PHE A 48 4.02 -11.52 3.65
N GLU A 49 3.67 -12.00 4.84
CA GLU A 49 3.23 -13.39 4.98
C GLU A 49 1.91 -13.64 4.25
N SER A 50 1.08 -12.61 4.16
CA SER A 50 -0.17 -12.65 3.40
C SER A 50 0.07 -12.89 1.91
N ILE A 51 1.03 -12.16 1.35
CA ILE A 51 1.42 -12.31 -0.06
C ILE A 51 2.16 -13.64 -0.25
N GLY A 52 3.01 -13.99 0.71
CA GLY A 52 3.64 -15.31 0.77
C GLY A 52 4.98 -15.45 0.08
N LYS A 53 5.30 -14.50 -0.79
CA LYS A 53 6.55 -14.49 -1.56
C LYS A 53 6.89 -13.06 -1.97
N PRO A 54 8.19 -12.76 -2.18
CA PRO A 54 8.52 -11.43 -2.68
C PRO A 54 7.97 -11.23 -4.09
N LEU A 55 7.55 -10.00 -4.40
CA LEU A 55 7.05 -9.68 -5.72
C LEU A 55 8.23 -9.41 -6.66
N PRO A 56 8.27 -10.10 -7.82
CA PRO A 56 9.38 -9.96 -8.75
C PRO A 56 9.53 -8.54 -9.32
N ASN A 57 10.76 -8.20 -9.69
CA ASN A 57 11.08 -6.96 -10.41
C ASN A 57 10.88 -5.67 -9.62
N ARG A 58 10.98 -5.80 -8.30
CA ARG A 58 11.04 -4.66 -7.39
C ARG A 58 11.77 -5.10 -6.12
N ARG A 59 12.33 -4.16 -5.39
CA ARG A 59 12.98 -4.47 -4.12
C ARG A 59 11.92 -4.66 -3.04
N ASN A 60 11.92 -5.84 -2.43
CA ASN A 60 10.99 -6.18 -1.34
C ASN A 60 11.67 -6.03 0.01
N VAL A 61 11.20 -5.04 0.78
CA VAL A 61 11.73 -4.78 2.12
C VAL A 61 10.65 -5.08 3.17
N VAL A 62 10.99 -5.92 4.15
CA VAL A 62 10.05 -6.29 5.20
C VAL A 62 10.50 -5.75 6.57
N LEU A 63 9.59 -5.04 7.22
CA LEU A 63 9.81 -4.52 8.56
C LEU A 63 9.26 -5.49 9.59
N THR A 64 10.13 -5.96 10.48
CA THR A 64 9.78 -6.92 11.53
C THR A 64 10.75 -6.81 12.70
N SER A 65 10.28 -7.16 13.89
CA SER A 65 11.14 -7.22 15.08
C SER A 65 11.85 -8.58 15.17
N ASP A 66 11.48 -9.50 14.28
CA ASP A 66 12.03 -10.86 14.28
C ASP A 66 13.45 -10.87 13.72
N THR A 67 14.43 -11.04 14.61
CA THR A 67 15.84 -11.08 14.22
C THR A 67 16.23 -12.37 13.50
N SER A 68 15.33 -13.35 13.53
CA SER A 68 15.52 -14.60 12.79
C SER A 68 14.98 -14.52 11.35
N PHE A 69 14.36 -13.41 10.98
CA PHE A 69 13.83 -13.22 9.64
C PHE A 69 14.97 -13.04 8.64
N ASN A 70 15.09 -14.01 7.72
CA ASN A 70 16.07 -13.95 6.63
C ASN A 70 15.57 -14.75 5.43
N VAL A 71 14.76 -14.10 4.61
CA VAL A 71 14.05 -14.74 3.50
C VAL A 71 14.69 -14.38 2.16
N GLU A 72 14.94 -15.40 1.33
CA GLU A 72 15.52 -15.21 0.00
C GLU A 72 14.67 -14.26 -0.85
N GLY A 73 15.33 -13.28 -1.47
CA GLY A 73 14.67 -12.30 -2.32
C GLY A 73 14.02 -11.16 -1.56
N VAL A 74 14.24 -11.14 -0.24
CA VAL A 74 13.68 -10.12 0.64
C VAL A 74 14.79 -9.48 1.48
N ASP A 75 14.75 -8.16 1.57
CA ASP A 75 15.60 -7.43 2.50
C ASP A 75 14.82 -7.15 3.77
N VAL A 76 15.48 -7.24 4.92
CA VAL A 76 14.81 -7.03 6.20
C VAL A 76 15.32 -5.77 6.89
N ILE A 77 14.39 -5.04 7.52
CA ILE A 77 14.71 -3.91 8.38
C ILE A 77 13.98 -4.09 9.71
N HIS A 78 14.49 -3.47 10.77
CA HIS A 78 13.94 -3.68 12.12
C HIS A 78 13.47 -2.39 12.79
N SER A 79 13.62 -1.28 12.08
CA SER A 79 13.22 0.03 12.59
C SER A 79 12.57 0.87 11.48
N ILE A 80 11.65 1.74 11.87
CA ILE A 80 11.05 2.72 10.96
C ILE A 80 12.13 3.63 10.36
N GLU A 81 13.13 3.96 11.17
CA GLU A 81 14.22 4.84 10.76
C GLU A 81 15.02 4.28 9.59
N ASP A 82 15.09 2.95 9.49
CA ASP A 82 15.80 2.26 8.41
C ASP A 82 15.24 2.61 7.01
N ILE A 83 13.94 2.89 6.96
CA ILE A 83 13.24 3.24 5.71
C ILE A 83 13.90 4.44 5.02
N TYR A 84 14.28 5.43 5.82
CA TYR A 84 14.84 6.69 5.31
C TYR A 84 16.25 6.53 4.70
N GLN A 85 16.87 5.38 4.93
CA GLN A 85 18.18 5.06 4.37
C GLN A 85 18.10 4.25 3.06
N LEU A 86 16.88 3.93 2.65
CA LEU A 86 16.66 3.20 1.39
C LEU A 86 16.63 4.18 0.21
N PRO A 87 17.46 3.91 -0.82
CA PRO A 87 17.53 4.79 -1.98
C PRO A 87 16.39 4.61 -2.97
N GLY A 88 16.21 5.59 -3.85
CA GLY A 88 15.23 5.51 -4.93
C GLY A 88 13.82 5.87 -4.51
N HIS A 89 12.84 5.47 -5.31
CA HIS A 89 11.44 5.67 -4.99
C HIS A 89 10.96 4.55 -4.07
N VAL A 90 10.65 4.91 -2.83
CA VAL A 90 10.20 3.95 -1.82
C VAL A 90 8.68 4.03 -1.64
N PHE A 91 8.02 2.89 -1.75
CA PHE A 91 6.57 2.80 -1.56
C PHE A 91 6.23 2.06 -0.27
N ILE A 92 5.51 2.73 0.63
CA ILE A 92 4.94 2.09 1.81
C ILE A 92 3.75 1.24 1.37
N PHE A 93 3.87 -0.08 1.58
CA PHE A 93 3.02 -1.09 0.94
C PHE A 93 1.95 -1.68 1.88
N GLY A 94 2.00 -1.30 3.15
CA GLY A 94 1.06 -1.79 4.15
C GLY A 94 1.73 -2.57 5.26
N GLY A 95 0.96 -3.06 6.24
CA GLY A 95 -0.49 -2.88 6.27
C GLY A 95 -0.86 -1.75 7.23
N GLN A 96 -1.92 -1.97 8.01
CA GLN A 96 -2.47 -0.93 8.89
C GLN A 96 -1.40 -0.25 9.75
N THR A 97 -0.58 -1.07 10.42
CA THR A 97 0.45 -0.58 11.33
C THR A 97 1.45 0.32 10.60
N LEU A 98 1.96 -0.15 9.46
CA LEU A 98 2.85 0.66 8.61
C LEU A 98 2.23 1.98 8.15
N PHE A 99 0.99 1.92 7.68
CA PHE A 99 0.28 3.12 7.25
C PHE A 99 0.13 4.14 8.38
N GLU A 100 -0.22 3.65 9.57
CA GLU A 100 -0.36 4.50 10.75
C GLU A 100 0.97 5.15 11.13
N GLU A 101 2.05 4.40 10.98
CA GLU A 101 3.39 4.89 11.31
C GLU A 101 3.94 5.88 10.28
N MET A 102 3.44 5.83 9.05
CA MET A 102 4.07 6.55 7.93
C MET A 102 3.23 7.65 7.26
N ILE A 103 1.94 7.69 7.52
CA ILE A 103 1.06 8.67 6.85
C ILE A 103 1.51 10.13 7.06
N ASP A 104 2.05 10.44 8.24
CA ASP A 104 2.55 11.78 8.54
C ASP A 104 3.94 12.07 7.93
N LYS A 105 4.55 11.05 7.35
CA LYS A 105 5.94 11.15 6.88
C LYS A 105 6.09 11.12 5.36
N VAL A 106 5.10 10.61 4.65
CA VAL A 106 5.22 10.40 3.20
C VAL A 106 4.99 11.69 2.39
N ASP A 107 5.61 11.73 1.21
CA ASP A 107 5.47 12.85 0.27
C ASP A 107 4.09 12.88 -0.39
N ASP A 108 3.63 11.69 -0.77
CA ASP A 108 2.38 11.55 -1.51
C ASP A 108 1.76 10.17 -1.27
N MET A 109 0.54 10.01 -1.76
CA MET A 109 -0.19 8.75 -1.65
C MET A 109 -0.86 8.40 -2.97
N TYR A 110 -0.71 7.15 -3.38
CA TYR A 110 -1.45 6.60 -4.50
C TYR A 110 -2.53 5.70 -3.93
N ILE A 111 -3.76 6.20 -3.94
CA ILE A 111 -4.87 5.49 -3.32
C ILE A 111 -5.80 4.93 -4.37
N THR A 112 -6.19 3.67 -4.18
CA THR A 112 -7.31 3.11 -4.92
C THR A 112 -8.50 3.15 -3.97
N VAL A 113 -9.42 4.07 -4.23
CA VAL A 113 -10.67 4.13 -3.46
C VAL A 113 -11.61 3.09 -4.01
N ILE A 114 -11.90 2.08 -3.20
CA ILE A 114 -12.86 1.05 -3.52
C ILE A 114 -14.24 1.57 -3.12
N GLU A 115 -15.06 1.86 -4.12
CA GLU A 115 -16.34 2.55 -3.90
C GLU A 115 -17.44 1.61 -3.39
N GLY A 116 -17.14 0.92 -2.29
CA GLY A 116 -18.07 0.00 -1.65
C GLY A 116 -17.87 -0.02 -0.15
N LYS A 117 -18.72 -0.77 0.55
CA LYS A 117 -18.60 -0.94 2.00
C LYS A 117 -18.41 -2.42 2.33
N PHE A 118 -17.20 -2.75 2.78
CA PHE A 118 -16.81 -4.14 3.07
C PHE A 118 -16.66 -4.38 4.56
N ARG A 119 -16.75 -5.65 4.97
CA ARG A 119 -16.38 -6.03 6.34
C ARG A 119 -14.87 -5.98 6.47
N GLY A 120 -14.38 -5.24 7.45
CA GLY A 120 -12.94 -5.14 7.68
C GLY A 120 -12.55 -5.31 9.13
N ASP A 121 -11.30 -5.69 9.35
CA ASP A 121 -10.73 -5.68 10.70
C ASP A 121 -9.48 -4.81 10.78
N THR A 122 -9.11 -4.20 9.66
CA THR A 122 -7.98 -3.28 9.58
C THR A 122 -8.31 -2.10 8.68
N PHE A 123 -7.77 -0.93 9.01
CA PHE A 123 -8.18 0.34 8.41
C PHE A 123 -7.00 1.23 8.03
N PHE A 124 -7.19 2.03 6.99
CA PHE A 124 -6.29 3.14 6.69
C PHE A 124 -6.65 4.27 7.66
N PRO A 125 -5.65 5.00 8.17
CA PRO A 125 -5.96 6.10 9.10
C PRO A 125 -6.72 7.24 8.42
N PRO A 126 -7.56 7.97 9.20
CA PRO A 126 -8.27 9.12 8.66
C PRO A 126 -7.32 10.16 8.09
N TYR A 127 -7.75 10.81 7.01
CA TYR A 127 -7.00 11.92 6.42
C TYR A 127 -7.99 12.93 5.83
N THR A 128 -7.54 14.16 5.63
CA THR A 128 -8.40 15.23 5.11
C THR A 128 -7.80 15.86 3.86
N PHE A 129 -8.67 16.17 2.90
CA PHE A 129 -8.25 16.81 1.64
C PHE A 129 -7.76 18.26 1.84
N GLU A 130 -7.85 18.75 3.07
CA GLU A 130 -7.27 20.04 3.44
C GLU A 130 -5.75 19.95 3.50
N ASP A 131 -5.23 18.74 3.69
CA ASP A 131 -3.79 18.50 3.79
C ASP A 131 -3.20 17.95 2.50
N TRP A 132 -4.07 17.54 1.56
CA TRP A 132 -3.64 16.81 0.37
C TRP A 132 -4.25 17.39 -0.90
N GLU A 133 -3.37 17.70 -1.86
CA GLU A 133 -3.82 18.16 -3.18
C GLU A 133 -4.08 16.96 -4.08
N VAL A 134 -5.20 17.00 -4.81
CA VAL A 134 -5.54 15.93 -5.74
C VAL A 134 -4.75 16.15 -7.04
N ALA A 135 -3.63 15.45 -7.15
CA ALA A 135 -2.78 15.53 -8.35
C ALA A 135 -3.51 14.92 -9.55
N SER A 136 -4.25 13.84 -9.29
CA SER A 136 -5.08 13.20 -10.30
C SER A 136 -6.14 12.32 -9.65
N SER A 137 -7.26 12.16 -10.36
CA SER A 137 -8.35 11.29 -9.95
C SER A 137 -8.89 10.66 -11.22
N VAL A 138 -8.78 9.33 -11.29
CA VAL A 138 -9.13 8.58 -12.49
C VAL A 138 -10.08 7.45 -12.12
N GLU A 139 -11.25 7.44 -12.75
CA GLU A 139 -12.23 6.40 -12.52
C GLU A 139 -11.76 5.08 -13.16
N GLY A 140 -11.79 4.01 -12.36
CA GLY A 140 -11.42 2.69 -12.83
C GLY A 140 -12.44 2.13 -13.81
N LYS A 141 -11.97 1.46 -14.85
CA LYS A 141 -12.85 0.84 -15.83
C LYS A 141 -13.39 -0.47 -15.29
N LEU A 142 -14.69 -0.69 -15.49
CA LEU A 142 -15.35 -1.89 -15.00
C LEU A 142 -15.62 -2.87 -16.13
N ASP A 143 -15.41 -4.15 -15.85
CA ASP A 143 -15.70 -5.23 -16.78
C ASP A 143 -16.10 -6.50 -16.02
N GLU A 144 -16.05 -7.64 -16.70
CA GLU A 144 -16.41 -8.92 -16.11
C GLU A 144 -15.50 -9.33 -14.94
N LYS A 145 -14.22 -8.99 -15.04
CA LYS A 145 -13.24 -9.35 -14.00
C LYS A 145 -13.09 -8.28 -12.91
N ASN A 146 -13.57 -7.08 -13.20
CA ASN A 146 -13.46 -5.95 -12.26
C ASN A 146 -14.81 -5.24 -12.10
N THR A 147 -15.58 -5.70 -11.12
CA THR A 147 -17.01 -5.36 -11.03
C THR A 147 -17.33 -4.34 -9.93
N ILE A 148 -16.34 -4.00 -9.11
CA ILE A 148 -16.51 -3.03 -8.04
C ILE A 148 -15.98 -1.66 -8.50
N PRO A 149 -16.82 -0.61 -8.41
CA PRO A 149 -16.38 0.72 -8.83
C PRO A 149 -15.20 1.14 -7.98
N HIS A 150 -14.23 1.80 -8.63
CA HIS A 150 -13.02 2.23 -7.95
C HIS A 150 -12.42 3.45 -8.64
N THR A 151 -11.70 4.25 -7.85
CA THR A 151 -11.09 5.48 -8.34
C THR A 151 -9.63 5.52 -7.89
N PHE A 152 -8.74 5.80 -8.84
CA PHE A 152 -7.32 5.93 -8.55
C PHE A 152 -7.03 7.40 -8.26
N LEU A 153 -6.64 7.66 -7.02
CA LEU A 153 -6.28 9.01 -6.56
C LEU A 153 -4.78 9.10 -6.37
N HIS A 154 -4.20 10.20 -6.85
CA HIS A 154 -2.84 10.55 -6.47
C HIS A 154 -2.89 11.84 -5.67
N LEU A 155 -2.53 11.74 -4.39
CA LEU A 155 -2.60 12.87 -3.47
C LEU A 155 -1.20 13.30 -3.09
N ILE A 156 -0.96 14.61 -3.10
CA ILE A 156 0.34 15.15 -2.72
C ILE A 156 0.15 16.08 -1.52
N ARG A 157 0.98 15.90 -0.49
CA ARG A 157 0.90 16.72 0.71
C ARG A 157 1.08 18.20 0.39
N LYS A 158 0.14 19.01 0.84
CA LYS A 158 0.19 20.46 0.64
C LYS A 158 1.33 21.08 1.45
#